data_2E2Q
#
_entry.id   2E2Q
#
_cell.length_a   143.440
_cell.length_b   81.470
_cell.length_c   52.510
_cell.angle_alpha   90.00
_cell.angle_beta   109.40
_cell.angle_gamma   90.00
#
_symmetry.space_group_name_H-M   'C 1 2 1'
#
loop_
_entity.id
_entity.type
_entity.pdbx_description
1 polymer HEXOKINASE
2 non-polymer beta-D-xylopyranose
3 non-polymer 'MAGNESIUM ION'
4 non-polymer "ADENOSINE-5'-DIPHOSPHATE"
5 water water
#
_entity_poly.entity_id   1
_entity_poly.type   'polypeptide(L)'
_entity_poly.pdbx_seq_one_letter_code
;MMIIVGVDAGGTKTKAVAYDCEGNFIGEGSSGPGNYHNVGLTRAIENIKEAVKIAAKGEADVVGMGVAGLDSKFDWENFT
PLASLIAPKVIIQHDGVIALFAETLGEPGVVVIAGTGSVVEGYNGKEFLRVGGRGWLLSDDGSAYWVGRKALRKVLKMMD
GLENKTILYNKVLKTINVKDLDELVMWSYTSSCQIDLVASIAKAVDEAANEGDTVAMDILKQGAELLASQAVYLARKIGT
NKVYLKGGMFRSNIYHKFFTLYLEKEGIISDLGKRSPEIGAVILAYKEVGCDIKKLISD
;
_entity_poly.pdbx_strand_id   A,B
#
# COMPACT_ATOMS: atom_id res chain seq x y z
N MET A 1 -49.49 5.76 -3.17
CA MET A 1 -48.09 6.27 -3.07
C MET A 1 -47.03 5.16 -3.00
N MET A 2 -45.79 5.59 -3.19
CA MET A 2 -44.65 4.68 -3.14
C MET A 2 -43.39 5.49 -2.92
N ILE A 3 -42.47 4.93 -2.13
CA ILE A 3 -41.22 5.60 -1.80
C ILE A 3 -40.08 4.95 -2.57
N ILE A 4 -39.46 5.74 -3.45
CA ILE A 4 -38.34 5.32 -4.28
C ILE A 4 -37.07 5.91 -3.68
N VAL A 5 -36.05 5.08 -3.49
CA VAL A 5 -34.78 5.57 -2.94
C VAL A 5 -33.58 5.27 -3.84
N GLY A 6 -32.77 6.29 -4.09
CA GLY A 6 -31.57 6.12 -4.89
C GLY A 6 -30.40 6.17 -3.94
N VAL A 7 -29.47 5.23 -4.07
CA VAL A 7 -28.31 5.17 -3.18
C VAL A 7 -26.99 5.09 -3.95
N ASP A 8 -26.02 5.89 -3.51
CA ASP A 8 -24.68 5.89 -4.07
C ASP A 8 -23.81 5.37 -2.93
N ALA A 9 -23.41 4.10 -3.00
CA ALA A 9 -22.60 3.48 -1.95
C ALA A 9 -21.12 3.51 -2.30
N GLY A 10 -20.35 4.39 -1.66
CA GLY A 10 -18.93 4.52 -1.97
C GLY A 10 -17.95 3.93 -0.97
N GLY A 11 -16.67 4.30 -1.12
CA GLY A 11 -15.65 3.80 -0.21
C GLY A 11 -15.47 4.62 1.05
N THR A 12 -16.12 5.79 1.10
CA THR A 12 -16.04 6.66 2.27
C THR A 12 -17.41 6.90 2.90
N LYS A 13 -18.40 7.12 2.06
CA LYS A 13 -19.76 7.36 2.55
C LYS A 13 -20.77 6.75 1.60
N THR A 14 -21.98 6.58 2.11
CA THR A 14 -23.07 6.07 1.32
C THR A 14 -24.12 7.16 1.41
N LYS A 15 -24.57 7.61 0.24
CA LYS A 15 -25.55 8.68 0.13
C LYS A 15 -26.82 8.18 -0.50
N ALA A 16 -27.95 8.47 0.15
CA ALA A 16 -29.24 8.03 -0.35
C ALA A 16 -30.21 9.21 -0.38
N VAL A 17 -31.10 9.22 -1.38
CA VAL A 17 -32.11 10.25 -1.48
C VAL A 17 -33.40 9.52 -1.82
N ALA A 18 -34.50 9.98 -1.22
CA ALA A 18 -35.82 9.36 -1.43
C ALA A 18 -36.81 10.28 -2.13
N TYR A 19 -37.58 9.70 -3.04
CA TYR A 19 -38.58 10.43 -3.81
C TYR A 19 -39.88 9.67 -4.00
N ASP A 20 -40.88 10.40 -4.48
CA ASP A 20 -42.20 9.87 -4.81
C ASP A 20 -42.01 9.21 -6.16
N CYS A 21 -43.12 8.91 -6.81
CA CYS A 21 -43.07 8.34 -8.13
C CYS A 21 -43.46 9.52 -9.02
N GLU A 22 -43.75 10.64 -8.35
CA GLU A 22 -44.15 11.87 -8.99
C GLU A 22 -43.08 12.95 -8.89
N GLY A 23 -41.82 12.52 -8.84
CA GLY A 23 -40.71 13.45 -8.77
C GLY A 23 -40.67 14.37 -7.56
N ASN A 24 -41.27 13.96 -6.45
CA ASN A 24 -41.29 14.78 -5.24
C ASN A 24 -40.28 14.27 -4.22
N PHE A 25 -39.34 15.14 -3.83
CA PHE A 25 -38.32 14.79 -2.86
C PHE A 25 -38.89 14.57 -1.46
N ILE A 26 -38.58 13.42 -0.86
CA ILE A 26 -39.09 13.13 0.47
C ILE A 26 -38.00 13.23 1.54
N GLY A 27 -36.78 12.85 1.18
CA GLY A 27 -35.71 12.92 2.17
C GLY A 27 -34.36 12.41 1.71
N GLU A 28 -33.37 12.61 2.57
CA GLU A 28 -32.00 12.19 2.31
C GLU A 28 -31.40 11.56 3.55
N GLY A 29 -30.35 10.77 3.36
CA GLY A 29 -29.68 10.14 4.48
C GLY A 29 -28.30 9.71 4.03
N SER A 30 -27.38 9.58 4.98
CA SER A 30 -26.03 9.15 4.64
C SER A 30 -25.50 8.24 5.73
N SER A 31 -24.51 7.43 5.35
CA SER A 31 -23.89 6.51 6.30
C SER A 31 -22.46 6.23 5.86
N GLY A 32 -21.83 5.25 6.49
CA GLY A 32 -20.45 4.91 6.18
C GLY A 32 -20.29 4.22 4.84
N PRO A 33 -19.08 3.70 4.54
CA PRO A 33 -18.74 3.01 3.29
C PRO A 33 -19.70 1.88 2.90
N GLY A 34 -19.96 1.78 1.60
CA GLY A 34 -20.82 0.74 1.08
C GLY A 34 -20.02 -0.26 0.26
N ASN A 35 -18.71 -0.02 0.18
CA ASN A 35 -17.79 -0.89 -0.55
C ASN A 35 -17.35 -2.00 0.41
N TYR A 36 -17.94 -3.19 0.27
CA TYR A 36 -17.64 -4.31 1.16
C TYR A 36 -16.17 -4.74 1.18
N HIS A 37 -15.40 -4.28 0.21
CA HIS A 37 -13.98 -4.61 0.18
C HIS A 37 -13.25 -3.78 1.22
N ASN A 38 -13.86 -2.65 1.59
CA ASN A 38 -13.28 -1.73 2.56
C ASN A 38 -13.74 -1.94 4.00
N VAL A 39 -14.99 -2.36 4.20
CA VAL A 39 -15.51 -2.54 5.56
C VAL A 39 -16.20 -3.88 5.84
N GLY A 40 -16.21 -4.77 4.87
CA GLY A 40 -16.87 -6.05 5.10
C GLY A 40 -18.34 -6.02 4.72
N LEU A 41 -18.85 -7.19 4.33
CA LEU A 41 -20.24 -7.33 3.92
C LEU A 41 -21.26 -6.88 4.95
N THR A 42 -21.07 -7.26 6.21
CA THR A 42 -22.03 -6.86 7.23
C THR A 42 -22.15 -5.34 7.39
N ARG A 43 -21.00 -4.67 7.44
CA ARG A 43 -20.97 -3.22 7.58
C ARG A 43 -21.51 -2.47 6.35
N ALA A 44 -21.05 -2.89 5.18
CA ALA A 44 -21.51 -2.30 3.92
C ALA A 44 -23.04 -2.34 3.81
N ILE A 45 -23.62 -3.54 3.92
CA ILE A 45 -25.06 -3.69 3.84
C ILE A 45 -25.75 -2.87 4.92
N GLU A 46 -25.19 -2.93 6.12
CA GLU A 46 -25.74 -2.21 7.26
C GLU A 46 -25.74 -0.70 6.98
N ASN A 47 -24.66 -0.20 6.38
CA ASN A 47 -24.55 1.21 6.07
C ASN A 47 -25.57 1.60 5.00
N ILE A 48 -25.63 0.81 3.94
CA ILE A 48 -26.58 1.07 2.86
C ILE A 48 -28.00 1.06 3.43
N LYS A 49 -28.33 -0.02 4.14
CA LYS A 49 -29.64 -0.15 4.75
C LYS A 49 -29.94 1.06 5.65
N GLU A 50 -28.92 1.55 6.35
CA GLU A 50 -29.11 2.70 7.23
C GLU A 50 -29.39 3.98 6.45
N ALA A 51 -28.56 4.26 5.43
CA ALA A 51 -28.76 5.45 4.62
C ALA A 51 -30.15 5.43 3.97
N VAL A 52 -30.57 4.26 3.51
CA VAL A 52 -31.88 4.12 2.89
C VAL A 52 -32.98 4.40 3.90
N LYS A 53 -32.92 3.71 5.04
CA LYS A 53 -33.90 3.86 6.10
C LYS A 53 -34.04 5.33 6.51
N ILE A 54 -32.91 6.02 6.61
CA ILE A 54 -32.90 7.43 6.99
C ILE A 54 -33.60 8.31 5.94
N ALA A 55 -33.15 8.19 4.69
CA ALA A 55 -33.72 8.97 3.59
C ALA A 55 -35.20 8.73 3.35
N ALA A 56 -35.66 7.50 3.60
CA ALA A 56 -37.06 7.15 3.39
C ALA A 56 -37.88 7.34 4.66
N LYS A 57 -37.19 7.55 5.77
CA LYS A 57 -37.85 7.74 7.05
C LYS A 57 -38.75 6.55 7.39
N GLY A 58 -38.25 5.36 7.07
CA GLY A 58 -38.99 4.14 7.32
C GLY A 58 -38.67 3.12 6.26
N GLU A 59 -39.69 2.41 5.78
CA GLU A 59 -39.49 1.41 4.75
C GLU A 59 -39.57 2.07 3.38
N ALA A 60 -38.86 1.50 2.42
CA ALA A 60 -38.88 2.01 1.04
C ALA A 60 -39.52 0.90 0.22
N ASP A 61 -40.20 1.28 -0.86
CA ASP A 61 -40.83 0.28 -1.71
C ASP A 61 -39.83 -0.20 -2.77
N VAL A 62 -39.02 0.73 -3.28
CA VAL A 62 -38.03 0.40 -4.28
C VAL A 62 -36.72 1.13 -4.01
N VAL A 63 -35.61 0.44 -4.25
CA VAL A 63 -34.29 1.02 -4.04
C VAL A 63 -33.35 0.71 -5.18
N GLY A 64 -32.80 1.76 -5.79
CA GLY A 64 -31.85 1.62 -6.86
C GLY A 64 -30.52 1.99 -6.26
N MET A 65 -29.47 1.22 -6.52
CA MET A 65 -28.18 1.55 -5.95
C MET A 65 -26.98 1.37 -6.87
N GLY A 66 -26.05 2.31 -6.78
CA GLY A 66 -24.81 2.25 -7.54
C GLY A 66 -23.84 1.85 -6.44
N VAL A 67 -23.06 0.79 -6.66
CA VAL A 67 -22.16 0.32 -5.62
C VAL A 67 -20.69 0.22 -6.02
N ALA A 68 -19.84 0.83 -5.20
CA ALA A 68 -18.41 0.79 -5.42
C ALA A 68 -17.95 -0.59 -4.93
N GLY A 69 -17.05 -1.22 -5.66
CA GLY A 69 -16.57 -2.53 -5.23
C GLY A 69 -17.12 -3.72 -6.02
N LEU A 70 -18.14 -3.52 -6.84
CA LEU A 70 -18.67 -4.62 -7.64
C LEU A 70 -17.73 -4.71 -8.83
N ASP A 71 -16.62 -5.41 -8.62
CA ASP A 71 -15.57 -5.52 -9.64
C ASP A 71 -15.30 -6.93 -10.15
N SER A 72 -16.22 -7.86 -9.91
CA SER A 72 -16.05 -9.22 -10.37
C SER A 72 -17.34 -9.98 -10.18
N LYS A 73 -17.55 -10.99 -11.03
CA LYS A 73 -18.74 -11.82 -10.93
C LYS A 73 -18.89 -12.22 -9.47
N PHE A 74 -17.75 -12.48 -8.85
CA PHE A 74 -17.68 -12.87 -7.46
C PHE A 74 -18.38 -11.85 -6.56
N ASP A 75 -17.99 -10.58 -6.69
CA ASP A 75 -18.58 -9.50 -5.89
C ASP A 75 -20.10 -9.43 -6.04
N TRP A 76 -20.57 -9.53 -7.29
CA TRP A 76 -21.99 -9.48 -7.55
C TRP A 76 -22.73 -10.63 -6.86
N GLU A 77 -22.09 -11.79 -6.83
CA GLU A 77 -22.69 -12.97 -6.20
C GLU A 77 -22.73 -12.79 -4.68
N ASN A 78 -21.66 -12.27 -4.11
CA ASN A 78 -21.59 -12.06 -2.67
C ASN A 78 -22.51 -10.95 -2.17
N PHE A 79 -22.61 -9.87 -2.94
CA PHE A 79 -23.37 -8.70 -2.54
C PHE A 79 -24.85 -8.64 -2.91
N THR A 80 -25.18 -9.01 -4.15
CA THR A 80 -26.55 -8.95 -4.62
C THR A 80 -27.63 -9.58 -3.73
N PRO A 81 -27.41 -10.82 -3.27
CA PRO A 81 -28.40 -11.48 -2.42
C PRO A 81 -28.77 -10.70 -1.16
N LEU A 82 -27.76 -10.25 -0.44
CA LEU A 82 -27.96 -9.51 0.81
C LEU A 82 -28.57 -8.13 0.58
N ALA A 83 -28.09 -7.43 -0.44
CA ALA A 83 -28.62 -6.11 -0.75
C ALA A 83 -30.08 -6.20 -1.18
N SER A 84 -30.46 -7.35 -1.74
CA SER A 84 -31.82 -7.55 -2.21
C SER A 84 -32.83 -7.67 -1.07
N LEU A 85 -32.33 -7.80 0.15
CA LEU A 85 -33.19 -7.91 1.31
C LEU A 85 -33.69 -6.56 1.82
N ILE A 86 -33.04 -5.47 1.44
CA ILE A 86 -33.44 -4.18 1.98
C ILE A 86 -34.77 -3.57 1.55
N ALA A 87 -35.30 -3.98 0.40
CA ALA A 87 -36.59 -3.48 -0.04
C ALA A 87 -37.24 -4.51 -0.95
N PRO A 88 -38.58 -4.50 -1.05
CA PRO A 88 -39.30 -5.46 -1.89
C PRO A 88 -38.72 -5.50 -3.32
N LYS A 89 -38.37 -4.33 -3.83
CA LYS A 89 -37.80 -4.20 -5.17
C LYS A 89 -36.47 -3.46 -5.07
N VAL A 90 -35.40 -4.09 -5.58
CA VAL A 90 -34.07 -3.50 -5.52
C VAL A 90 -33.31 -3.68 -6.84
N ILE A 91 -32.73 -2.60 -7.37
CA ILE A 91 -31.96 -2.65 -8.62
C ILE A 91 -30.52 -2.32 -8.23
N ILE A 92 -29.58 -3.12 -8.73
CA ILE A 92 -28.18 -2.92 -8.40
C ILE A 92 -27.28 -2.71 -9.61
N GLN A 93 -26.48 -1.65 -9.58
CA GLN A 93 -25.53 -1.37 -10.66
C GLN A 93 -24.20 -0.96 -10.05
N HIS A 94 -23.17 -0.89 -10.89
CA HIS A 94 -21.85 -0.46 -10.43
C HIS A 94 -22.02 1.03 -10.20
N ASP A 95 -21.22 1.61 -9.32
CA ASP A 95 -21.36 3.04 -9.04
C ASP A 95 -21.03 3.93 -10.24
N GLY A 96 -20.24 3.43 -11.16
CA GLY A 96 -19.91 4.23 -12.33
C GLY A 96 -21.13 4.44 -13.21
N VAL A 97 -22.01 3.44 -13.25
CA VAL A 97 -23.23 3.52 -14.06
C VAL A 97 -24.17 4.64 -13.59
N ILE A 98 -24.49 4.66 -12.30
CA ILE A 98 -25.39 5.68 -11.78
C ILE A 98 -24.78 7.07 -11.90
N ALA A 99 -23.46 7.18 -11.76
CA ALA A 99 -22.82 8.48 -11.89
C ALA A 99 -22.99 9.04 -13.31
N LEU A 100 -22.82 8.16 -14.30
CA LEU A 100 -22.95 8.58 -15.69
C LEU A 100 -24.41 8.85 -16.08
N PHE A 101 -25.29 7.91 -15.76
CA PHE A 101 -26.70 8.07 -16.11
C PHE A 101 -27.36 9.24 -15.40
N ALA A 102 -26.79 9.70 -14.30
CA ALA A 102 -27.34 10.84 -13.60
C ALA A 102 -27.26 12.02 -14.57
N GLU A 103 -26.27 11.96 -15.45
CA GLU A 103 -26.06 13.02 -16.43
C GLU A 103 -26.65 12.68 -17.79
N THR A 104 -26.24 11.54 -18.34
CA THR A 104 -26.70 11.11 -19.67
C THR A 104 -28.12 10.53 -19.67
N LEU A 105 -28.71 10.44 -18.48
CA LEU A 105 -30.06 9.91 -18.32
C LEU A 105 -30.25 8.56 -18.99
N GLY A 106 -29.16 7.88 -19.29
CA GLY A 106 -29.25 6.57 -19.93
C GLY A 106 -28.61 6.51 -21.31
N GLU A 107 -28.28 7.68 -21.87
CA GLU A 107 -27.64 7.74 -23.18
C GLU A 107 -26.15 7.44 -23.11
N PRO A 108 -25.50 7.22 -24.26
CA PRO A 108 -24.06 6.91 -24.33
C PRO A 108 -23.19 8.03 -23.74
N GLY A 109 -22.01 7.65 -23.23
CA GLY A 109 -21.12 8.63 -22.65
C GLY A 109 -20.05 8.00 -21.77
N VAL A 110 -19.13 8.83 -21.27
CA VAL A 110 -18.05 8.37 -20.41
C VAL A 110 -17.95 9.22 -19.15
N VAL A 111 -17.81 8.57 -18.01
CA VAL A 111 -17.70 9.28 -16.75
C VAL A 111 -16.44 8.84 -16.02
N VAL A 112 -15.83 9.79 -15.33
CA VAL A 112 -14.63 9.52 -14.55
C VAL A 112 -15.01 9.70 -13.08
N ILE A 113 -14.71 8.70 -12.26
CA ILE A 113 -14.98 8.80 -10.83
C ILE A 113 -13.64 8.85 -10.13
N ALA A 114 -13.46 9.86 -9.29
CA ALA A 114 -12.25 10.01 -8.51
C ALA A 114 -12.74 10.29 -7.09
N GLY A 115 -12.93 9.22 -6.32
CA GLY A 115 -13.38 9.34 -4.95
C GLY A 115 -12.37 8.56 -4.12
N THR A 116 -12.85 7.73 -3.20
CA THR A 116 -11.96 6.91 -2.38
C THR A 116 -11.10 6.10 -3.34
N GLY A 117 -11.74 5.60 -4.39
CA GLY A 117 -11.05 4.86 -5.42
C GLY A 117 -11.35 5.58 -6.73
N SER A 118 -11.06 4.96 -7.87
CA SER A 118 -11.33 5.62 -9.13
C SER A 118 -11.68 4.64 -10.23
N VAL A 119 -12.32 5.15 -11.26
CA VAL A 119 -12.69 4.32 -12.39
C VAL A 119 -13.09 5.21 -13.56
N VAL A 120 -12.96 4.67 -14.77
CA VAL A 120 -13.39 5.37 -15.96
C VAL A 120 -14.37 4.38 -16.56
N GLU A 121 -15.64 4.77 -16.66
CA GLU A 121 -16.65 3.86 -17.19
C GLU A 121 -17.47 4.54 -18.28
N GLY A 122 -17.83 3.78 -19.30
CA GLY A 122 -18.61 4.32 -20.40
C GLY A 122 -19.68 3.36 -20.87
N TYR A 123 -20.61 3.89 -21.66
CA TYR A 123 -21.73 3.11 -22.20
C TYR A 123 -21.81 3.32 -23.71
N ASN A 124 -21.87 2.23 -24.47
CA ASN A 124 -21.95 2.30 -25.93
C ASN A 124 -23.40 2.39 -26.38
N GLY A 125 -24.33 2.30 -25.44
CA GLY A 125 -25.73 2.32 -25.79
C GLY A 125 -26.12 0.87 -25.91
N LYS A 126 -25.10 0.01 -25.84
CA LYS A 126 -25.30 -1.44 -25.93
C LYS A 126 -24.59 -2.15 -24.77
N GLU A 127 -23.41 -1.66 -24.39
CA GLU A 127 -22.65 -2.30 -23.31
C GLU A 127 -21.86 -1.29 -22.47
N PHE A 128 -21.47 -1.71 -21.26
CA PHE A 128 -20.68 -0.86 -20.38
C PHE A 128 -19.22 -1.29 -20.44
N LEU A 129 -18.34 -0.31 -20.55
CA LEU A 129 -16.91 -0.58 -20.60
C LEU A 129 -16.25 0.19 -19.46
N ARG A 130 -15.19 -0.36 -18.89
CA ARG A 130 -14.50 0.33 -17.81
C ARG A 130 -13.01 0.03 -17.86
N VAL A 131 -12.23 0.95 -17.31
CA VAL A 131 -10.80 0.79 -17.23
C VAL A 131 -10.50 1.16 -15.78
N GLY A 132 -9.57 0.45 -15.16
CA GLY A 132 -9.26 0.72 -13.76
C GLY A 132 -10.47 0.30 -12.93
N GLY A 133 -10.64 0.90 -11.76
CA GLY A 133 -11.77 0.57 -10.90
C GLY A 133 -11.75 -0.86 -10.40
N ARG A 134 -10.57 -1.33 -9.99
CA ARG A 134 -10.43 -2.69 -9.48
C ARG A 134 -9.76 -2.74 -8.11
N GLY A 135 -10.04 -1.76 -7.26
CA GLY A 135 -9.44 -1.77 -5.93
C GLY A 135 -8.19 -0.93 -5.74
N TRP A 136 -7.86 -0.66 -4.49
CA TRP A 136 -6.73 0.18 -4.15
C TRP A 136 -5.34 -0.38 -4.41
N LEU A 137 -5.20 -1.70 -4.31
CA LEU A 137 -3.88 -2.30 -4.55
C LEU A 137 -3.55 -2.41 -6.03
N LEU A 138 -4.53 -2.88 -6.80
CA LEU A 138 -4.34 -3.05 -8.24
C LEU A 138 -4.51 -1.79 -9.07
N SER A 139 -5.43 -0.91 -8.67
CA SER A 139 -5.69 0.28 -9.45
C SER A 139 -5.91 1.56 -8.64
N ASP A 140 -7.01 2.24 -8.95
CA ASP A 140 -7.37 3.50 -8.28
C ASP A 140 -6.36 4.64 -8.46
N ASP A 141 -5.78 4.72 -9.65
CA ASP A 141 -4.84 5.81 -9.97
C ASP A 141 -5.56 7.12 -9.73
N GLY A 142 -4.85 8.11 -9.19
CA GLY A 142 -5.44 9.43 -8.97
C GLY A 142 -6.65 9.51 -8.06
N SER A 143 -6.89 8.45 -7.29
CA SER A 143 -7.99 8.41 -6.36
C SER A 143 -7.53 9.08 -5.06
N ALA A 144 -8.45 9.26 -4.12
CA ALA A 144 -8.10 9.87 -2.84
C ALA A 144 -7.14 8.95 -2.08
N TYR A 145 -7.36 7.64 -2.17
CA TYR A 145 -6.47 6.71 -1.50
C TYR A 145 -5.07 6.80 -2.14
N TRP A 146 -5.04 6.87 -3.46
CA TRP A 146 -3.77 6.95 -4.19
C TRP A 146 -3.00 8.18 -3.70
N VAL A 147 -3.71 9.30 -3.66
CA VAL A 147 -3.14 10.56 -3.21
C VAL A 147 -2.67 10.42 -1.75
N GLY A 148 -3.52 9.85 -0.91
CA GLY A 148 -3.19 9.68 0.50
C GLY A 148 -1.93 8.86 0.75
N ARG A 149 -1.78 7.77 0.00
CA ARG A 149 -0.60 6.92 0.14
C ARG A 149 0.65 7.69 -0.30
N LYS A 150 0.55 8.39 -1.43
CA LYS A 150 1.67 9.16 -1.94
C LYS A 150 2.12 10.17 -0.91
N ALA A 151 1.16 10.83 -0.28
CA ALA A 151 1.44 11.84 0.73
C ALA A 151 2.13 11.24 1.96
N LEU A 152 1.64 10.10 2.42
CA LEU A 152 2.21 9.43 3.57
C LEU A 152 3.67 9.03 3.31
N ARG A 153 3.94 8.48 2.13
CA ARG A 153 5.29 8.06 1.80
C ARG A 153 6.24 9.25 1.75
N LYS A 154 5.74 10.39 1.28
CA LYS A 154 6.55 11.60 1.19
C LYS A 154 6.87 12.15 2.59
N VAL A 155 5.89 12.11 3.47
CA VAL A 155 6.08 12.60 4.83
C VAL A 155 7.14 11.76 5.54
N LEU A 156 7.17 10.46 5.26
CA LEU A 156 8.15 9.59 5.89
C LEU A 156 9.55 9.95 5.41
N LYS A 157 9.69 10.27 4.12
CA LYS A 157 10.99 10.64 3.58
C LYS A 157 11.43 11.99 4.16
N MET A 158 10.47 12.85 4.48
CA MET A 158 10.80 14.12 5.09
C MET A 158 11.27 13.83 6.51
N MET A 159 10.58 12.89 7.15
CA MET A 159 10.92 12.46 8.51
C MET A 159 12.32 11.86 8.55
N ASP A 160 12.71 11.19 7.46
CA ASP A 160 14.03 10.56 7.39
C ASP A 160 15.11 11.58 7.01
N GLY A 161 14.69 12.80 6.68
CA GLY A 161 15.64 13.83 6.31
C GLY A 161 16.08 13.73 4.87
N LEU A 162 15.41 12.88 4.10
CA LEU A 162 15.74 12.69 2.68
C LEU A 162 15.22 13.84 1.82
N GLU A 163 14.28 14.62 2.35
CA GLU A 163 13.70 15.74 1.64
C GLU A 163 13.26 16.80 2.63
N ASN A 164 13.26 18.06 2.20
CA ASN A 164 12.86 19.15 3.06
C ASN A 164 11.38 19.05 3.44
N LYS A 165 11.09 19.34 4.70
CA LYS A 165 9.71 19.29 5.17
C LYS A 165 8.97 20.48 4.61
N THR A 166 7.75 20.26 4.16
CA THR A 166 6.93 21.33 3.61
C THR A 166 5.65 21.42 4.42
N ILE A 167 4.77 22.33 4.02
CA ILE A 167 3.49 22.54 4.68
C ILE A 167 2.79 21.20 4.84
N LEU A 168 2.83 20.40 3.76
CA LEU A 168 2.20 19.08 3.73
C LEU A 168 2.49 18.25 4.97
N TYR A 169 3.73 18.30 5.44
CA TYR A 169 4.17 17.54 6.60
C TYR A 169 3.23 17.68 7.79
N ASN A 170 3.02 18.91 8.24
CA ASN A 170 2.13 19.14 9.38
C ASN A 170 0.69 18.82 9.04
N LYS A 171 0.23 19.29 7.88
CA LYS A 171 -1.14 19.02 7.46
C LYS A 171 -1.50 17.52 7.57
N VAL A 172 -0.62 16.68 7.04
CA VAL A 172 -0.85 15.23 7.07
C VAL A 172 -0.83 14.64 8.47
N LEU A 173 0.21 14.96 9.24
CA LEU A 173 0.30 14.42 10.59
C LEU A 173 -0.93 14.78 11.41
N LYS A 174 -1.34 16.04 11.34
CA LYS A 174 -2.51 16.48 12.07
C LYS A 174 -3.74 15.65 11.71
N THR A 175 -4.01 15.55 10.41
CA THR A 175 -5.16 14.78 9.94
C THR A 175 -5.24 13.38 10.56
N ILE A 176 -4.10 12.70 10.67
CA ILE A 176 -4.09 11.36 11.24
C ILE A 176 -3.71 11.35 12.72
N ASN A 177 -3.57 12.55 13.28
CA ASN A 177 -3.23 12.73 14.69
C ASN A 177 -1.91 12.07 15.07
N VAL A 178 -0.84 12.42 14.33
CA VAL A 178 0.49 11.89 14.58
C VAL A 178 1.46 13.04 14.80
N LYS A 179 2.40 12.89 15.73
CA LYS A 179 3.35 13.96 16.01
C LYS A 179 4.79 13.63 15.63
N ASP A 180 5.11 12.35 15.53
CA ASP A 180 6.47 11.96 15.17
C ASP A 180 6.52 10.59 14.51
N LEU A 181 7.71 10.20 14.07
CA LEU A 181 7.91 8.93 13.40
C LEU A 181 7.47 7.77 14.28
N ASP A 182 7.59 7.93 15.59
CA ASP A 182 7.21 6.87 16.49
C ASP A 182 5.70 6.64 16.44
N GLU A 183 4.93 7.72 16.51
CA GLU A 183 3.48 7.59 16.45
C GLU A 183 3.05 7.18 15.04
N LEU A 184 3.86 7.52 14.05
CA LEU A 184 3.54 7.15 12.67
C LEU A 184 3.68 5.64 12.51
N VAL A 185 4.72 5.07 13.12
CA VAL A 185 4.93 3.63 13.06
C VAL A 185 3.74 2.91 13.72
N MET A 186 3.39 3.33 14.93
CA MET A 186 2.27 2.72 15.63
C MET A 186 1.00 2.89 14.81
N TRP A 187 0.82 4.08 14.25
CA TRP A 187 -0.35 4.36 13.43
C TRP A 187 -0.43 3.35 12.28
N SER A 188 0.72 3.04 11.67
CA SER A 188 0.76 2.09 10.56
C SER A 188 0.34 0.69 10.99
N TYR A 189 0.69 0.31 12.22
CA TYR A 189 0.32 -1.02 12.72
C TYR A 189 -1.20 -1.15 12.79
N THR A 190 -1.87 -0.08 13.21
CA THR A 190 -3.32 -0.10 13.37
C THR A 190 -4.16 0.43 12.21
N SER A 191 -3.62 1.37 11.43
CA SER A 191 -4.41 1.97 10.36
C SER A 191 -4.08 1.72 8.90
N SER A 192 -3.05 0.93 8.62
CA SER A 192 -2.63 0.65 7.25
C SER A 192 -3.67 0.07 6.28
N CYS A 193 -4.66 -0.65 6.80
CA CYS A 193 -5.69 -1.26 5.96
C CYS A 193 -7.06 -0.58 6.05
N GLN A 194 -7.09 0.61 6.63
CA GLN A 194 -8.31 1.39 6.75
C GLN A 194 -8.31 2.30 5.54
N ILE A 195 -8.91 1.80 4.46
CA ILE A 195 -8.96 2.49 3.17
C ILE A 195 -9.52 3.92 3.22
N ASP A 196 -10.67 4.11 3.82
CA ASP A 196 -11.23 5.45 3.90
C ASP A 196 -10.36 6.39 4.71
N LEU A 197 -9.68 5.88 5.73
CA LEU A 197 -8.81 6.72 6.54
C LEU A 197 -7.62 7.21 5.72
N VAL A 198 -6.99 6.31 4.95
CA VAL A 198 -5.85 6.71 4.13
C VAL A 198 -6.29 7.75 3.10
N ALA A 199 -7.44 7.47 2.49
CA ALA A 199 -7.99 8.36 1.49
C ALA A 199 -8.37 9.74 2.07
N SER A 200 -8.71 9.80 3.36
CA SER A 200 -9.08 11.08 3.97
C SER A 200 -7.92 12.08 3.93
N ILE A 201 -6.70 11.55 3.88
CA ILE A 201 -5.50 12.37 3.82
C ILE A 201 -5.45 13.22 2.55
N ALA A 202 -6.18 12.85 1.51
CA ALA A 202 -6.19 13.62 0.27
C ALA A 202 -6.60 15.08 0.53
N LYS A 203 -7.53 15.27 1.47
CA LYS A 203 -7.99 16.61 1.83
C LYS A 203 -6.82 17.46 2.32
N ALA A 204 -5.96 16.83 3.11
CA ALA A 204 -4.79 17.51 3.67
C ALA A 204 -3.85 17.92 2.55
N VAL A 205 -3.72 17.07 1.54
CA VAL A 205 -2.85 17.36 0.40
C VAL A 205 -3.40 18.60 -0.32
N ASP A 206 -4.71 18.64 -0.50
CA ASP A 206 -5.34 19.77 -1.17
C ASP A 206 -5.08 21.05 -0.39
N GLU A 207 -5.26 20.98 0.94
CA GLU A 207 -5.04 22.11 1.82
C GLU A 207 -3.63 22.66 1.63
N ALA A 208 -2.65 21.77 1.65
CA ALA A 208 -1.27 22.15 1.48
C ALA A 208 -1.08 22.81 0.11
N ALA A 209 -1.64 22.18 -0.92
CA ALA A 209 -1.53 22.69 -2.27
C ALA A 209 -2.10 24.10 -2.41
N ASN A 210 -3.23 24.35 -1.76
CA ASN A 210 -3.85 25.67 -1.81
C ASN A 210 -3.02 26.70 -1.06
N GLU A 211 -2.17 26.22 -0.15
CA GLU A 211 -1.33 27.11 0.64
C GLU A 211 0.08 27.19 0.07
N GLY A 212 0.21 26.89 -1.22
CA GLY A 212 1.48 26.98 -1.91
C GLY A 212 2.47 25.84 -1.82
N ASP A 213 2.06 24.66 -1.39
CA ASP A 213 3.00 23.54 -1.31
C ASP A 213 3.13 22.89 -2.68
N THR A 214 4.27 23.10 -3.34
CA THR A 214 4.50 22.53 -4.66
C THR A 214 4.58 21.00 -4.62
N VAL A 215 5.04 20.46 -3.50
CA VAL A 215 5.13 19.01 -3.33
C VAL A 215 3.71 18.40 -3.36
N ALA A 216 2.76 19.08 -2.73
CA ALA A 216 1.38 18.60 -2.69
C ALA A 216 0.78 18.77 -4.08
N MET A 217 1.13 19.87 -4.74
CA MET A 217 0.64 20.13 -6.09
C MET A 217 1.13 19.03 -7.02
N ASP A 218 2.40 18.68 -6.87
CA ASP A 218 3.00 17.63 -7.69
C ASP A 218 2.25 16.31 -7.54
N ILE A 219 1.84 15.98 -6.32
CA ILE A 219 1.12 14.73 -6.07
C ILE A 219 -0.22 14.78 -6.79
N LEU A 220 -0.94 15.87 -6.60
CA LEU A 220 -2.24 16.05 -7.24
C LEU A 220 -2.11 15.97 -8.75
N LYS A 221 -1.10 16.64 -9.29
CA LYS A 221 -0.85 16.65 -10.74
C LYS A 221 -0.59 15.26 -11.31
N GLN A 222 0.32 14.52 -10.67
CA GLN A 222 0.64 13.18 -11.14
C GLN A 222 -0.61 12.28 -11.10
N GLY A 223 -1.34 12.32 -9.99
CA GLY A 223 -2.53 11.49 -9.87
C GLY A 223 -3.58 11.86 -10.90
N ALA A 224 -3.81 13.16 -11.07
CA ALA A 224 -4.80 13.64 -12.04
C ALA A 224 -4.46 13.25 -13.48
N GLU A 225 -3.19 13.34 -13.85
CA GLU A 225 -2.81 13.00 -15.22
C GLU A 225 -2.83 11.51 -15.48
N LEU A 226 -2.55 10.71 -14.45
CA LEU A 226 -2.58 9.26 -14.58
C LEU A 226 -4.01 8.80 -14.86
N LEU A 227 -4.96 9.37 -14.13
CA LEU A 227 -6.35 9.01 -14.31
C LEU A 227 -6.90 9.59 -15.62
N ALA A 228 -6.58 10.86 -15.88
CA ALA A 228 -7.04 11.52 -17.10
C ALA A 228 -6.58 10.78 -18.37
N SER A 229 -5.40 10.18 -18.30
CA SER A 229 -4.87 9.45 -19.43
C SER A 229 -5.79 8.28 -19.77
N GLN A 230 -6.34 7.66 -18.73
CA GLN A 230 -7.24 6.54 -18.90
C GLN A 230 -8.58 7.03 -19.45
N ALA A 231 -9.00 8.22 -19.02
CA ALA A 231 -10.25 8.80 -19.49
C ALA A 231 -10.14 9.10 -20.99
N VAL A 232 -9.00 9.61 -21.42
CA VAL A 232 -8.77 9.91 -22.83
C VAL A 232 -8.88 8.64 -23.67
N TYR A 233 -8.28 7.58 -23.15
CA TYR A 233 -8.29 6.26 -23.81
C TYR A 233 -9.71 5.77 -24.03
N LEU A 234 -10.48 5.67 -22.95
CA LEU A 234 -11.85 5.18 -23.05
C LEU A 234 -12.73 6.12 -23.88
N ALA A 235 -12.42 7.41 -23.86
CA ALA A 235 -13.19 8.39 -24.64
C ALA A 235 -13.02 8.11 -26.14
N ARG A 236 -11.78 7.93 -26.58
CA ARG A 236 -11.51 7.63 -27.98
C ARG A 236 -12.14 6.30 -28.33
N LYS A 237 -11.94 5.34 -27.44
CA LYS A 237 -12.47 3.98 -27.59
C LYS A 237 -13.96 4.00 -27.90
N ILE A 238 -14.73 4.74 -27.10
CA ILE A 238 -16.18 4.81 -27.30
C ILE A 238 -16.59 5.76 -28.43
N GLY A 239 -15.72 6.73 -28.73
CA GLY A 239 -16.02 7.67 -29.80
C GLY A 239 -16.62 8.99 -29.38
N THR A 240 -16.54 9.31 -28.09
CA THR A 240 -17.07 10.59 -27.60
C THR A 240 -15.92 11.53 -27.24
N ASN A 241 -16.13 12.83 -27.43
CA ASN A 241 -15.10 13.82 -27.13
C ASN A 241 -15.41 14.60 -25.86
N LYS A 242 -16.28 14.04 -25.03
CA LYS A 242 -16.68 14.68 -23.78
C LYS A 242 -16.77 13.65 -22.65
N VAL A 243 -16.32 14.01 -21.46
CA VAL A 243 -16.40 13.11 -20.33
C VAL A 243 -16.91 13.87 -19.11
N TYR A 244 -17.60 13.17 -18.23
CA TYR A 244 -18.12 13.78 -17.03
C TYR A 244 -17.16 13.48 -15.90
N LEU A 245 -16.95 14.45 -15.01
CA LEU A 245 -16.04 14.30 -13.89
C LEU A 245 -16.82 14.29 -12.59
N LYS A 246 -16.68 13.21 -11.82
CA LYS A 246 -17.40 13.05 -10.56
C LYS A 246 -16.50 12.52 -9.44
N GLY A 247 -16.82 12.91 -8.20
CA GLY A 247 -16.06 12.44 -7.06
C GLY A 247 -15.44 13.49 -6.18
N GLY A 248 -15.14 13.09 -4.95
CA GLY A 248 -14.55 13.98 -3.96
C GLY A 248 -13.21 14.59 -4.37
N MET A 249 -12.42 13.87 -5.17
CA MET A 249 -11.12 14.39 -5.60
C MET A 249 -11.29 15.67 -6.42
N PHE A 250 -12.40 15.77 -7.13
CA PHE A 250 -12.62 16.95 -7.95
C PHE A 250 -12.97 18.18 -7.14
N ARG A 251 -13.09 18.00 -5.82
CA ARG A 251 -13.38 19.12 -4.94
C ARG A 251 -12.07 19.90 -4.78
N SER A 252 -10.97 19.27 -5.20
CA SER A 252 -9.67 19.93 -5.16
C SER A 252 -9.58 20.76 -6.43
N ASN A 253 -9.50 22.07 -6.30
CA ASN A 253 -9.42 22.94 -7.48
C ASN A 253 -8.18 22.64 -8.29
N ILE A 254 -7.06 22.43 -7.60
CA ILE A 254 -5.81 22.12 -8.28
C ILE A 254 -5.89 20.80 -9.04
N TYR A 255 -6.46 19.78 -8.39
CA TYR A 255 -6.59 18.47 -9.03
C TYR A 255 -7.41 18.64 -10.29
N HIS A 256 -8.58 19.26 -10.13
CA HIS A 256 -9.49 19.49 -11.24
C HIS A 256 -8.80 20.22 -12.40
N LYS A 257 -8.00 21.23 -12.07
CA LYS A 257 -7.29 22.01 -13.08
C LYS A 257 -6.33 21.14 -13.89
N PHE A 258 -5.47 20.39 -13.21
CA PHE A 258 -4.53 19.52 -13.91
C PHE A 258 -5.27 18.49 -14.74
N PHE A 259 -6.39 18.00 -14.21
CA PHE A 259 -7.16 16.99 -14.91
C PHE A 259 -7.72 17.54 -16.22
N THR A 260 -8.36 18.69 -16.15
CA THR A 260 -8.94 19.28 -17.35
C THR A 260 -7.90 19.79 -18.34
N LEU A 261 -6.76 20.27 -17.83
CA LEU A 261 -5.71 20.76 -18.73
C LEU A 261 -5.20 19.58 -19.55
N TYR A 262 -5.08 18.43 -18.91
CA TYR A 262 -4.62 17.24 -19.59
C TYR A 262 -5.66 16.80 -20.64
N LEU A 263 -6.93 16.88 -20.27
CA LEU A 263 -8.00 16.48 -21.19
C LEU A 263 -8.08 17.43 -22.37
N GLU A 264 -8.02 18.73 -22.10
CA GLU A 264 -8.07 19.72 -23.16
C GLU A 264 -6.93 19.51 -24.14
N LYS A 265 -5.76 19.17 -23.62
CA LYS A 265 -4.59 18.95 -24.46
C LYS A 265 -4.83 17.79 -25.41
N GLU A 266 -5.68 16.86 -25.00
CA GLU A 266 -6.01 15.69 -25.82
C GLU A 266 -7.29 15.85 -26.62
N GLY A 267 -7.81 17.08 -26.67
CA GLY A 267 -9.02 17.32 -27.44
C GLY A 267 -10.30 16.79 -26.80
N ILE A 268 -10.26 16.64 -25.49
CA ILE A 268 -11.42 16.13 -24.76
C ILE A 268 -12.04 17.21 -23.88
N ILE A 269 -13.35 17.34 -23.98
CA ILE A 269 -14.10 18.32 -23.19
C ILE A 269 -14.55 17.64 -21.90
N SER A 270 -14.45 18.36 -20.78
CA SER A 270 -14.85 17.81 -19.50
C SER A 270 -16.04 18.58 -18.93
N ASP A 271 -16.85 17.90 -18.12
CA ASP A 271 -18.03 18.51 -17.52
C ASP A 271 -18.23 17.95 -16.11
N LEU A 272 -18.29 18.82 -15.10
CA LEU A 272 -18.49 18.33 -13.75
C LEU A 272 -19.92 17.82 -13.61
N GLY A 273 -20.72 18.01 -14.65
CA GLY A 273 -22.09 17.55 -14.64
C GLY A 273 -23.01 18.39 -13.78
N LYS A 274 -24.29 18.05 -13.82
CA LYS A 274 -25.33 18.75 -13.06
C LYS A 274 -25.88 17.99 -11.87
N ARG A 275 -26.09 16.68 -12.03
CA ARG A 275 -26.67 15.88 -10.97
C ARG A 275 -25.75 14.92 -10.22
N SER A 276 -26.08 14.67 -8.97
CA SER A 276 -25.32 13.80 -8.09
C SER A 276 -25.62 12.34 -8.48
N PRO A 277 -24.68 11.43 -8.20
CA PRO A 277 -24.88 10.02 -8.55
C PRO A 277 -26.15 9.36 -7.98
N GLU A 278 -26.56 9.73 -6.78
CA GLU A 278 -27.75 9.11 -6.20
C GLU A 278 -29.00 9.41 -7.04
N ILE A 279 -28.99 10.56 -7.73
CA ILE A 279 -30.11 10.91 -8.59
C ILE A 279 -30.13 9.93 -9.75
N GLY A 280 -28.95 9.49 -10.15
CA GLY A 280 -28.87 8.52 -11.24
C GLY A 280 -29.44 7.20 -10.78
N ALA A 281 -29.30 6.90 -9.50
CA ALA A 281 -29.82 5.66 -8.94
C ALA A 281 -31.35 5.74 -8.90
N VAL A 282 -31.87 6.95 -8.65
CA VAL A 282 -33.32 7.16 -8.62
C VAL A 282 -33.87 7.00 -10.02
N ILE A 283 -33.11 7.48 -11.01
CA ILE A 283 -33.51 7.38 -12.40
C ILE A 283 -33.68 5.91 -12.77
N LEU A 284 -32.72 5.09 -12.37
CA LEU A 284 -32.78 3.66 -12.65
C LEU A 284 -33.99 3.02 -11.96
N ALA A 285 -34.24 3.40 -10.71
CA ALA A 285 -35.37 2.86 -9.98
C ALA A 285 -36.67 3.24 -10.68
N TYR A 286 -36.77 4.49 -11.13
CA TYR A 286 -37.95 4.97 -11.83
C TYR A 286 -38.26 4.11 -13.04
N LYS A 287 -37.23 3.83 -13.84
CA LYS A 287 -37.36 3.01 -15.04
C LYS A 287 -37.87 1.62 -14.66
N GLU A 288 -37.38 1.11 -13.53
CA GLU A 288 -37.76 -0.21 -13.07
C GLU A 288 -39.22 -0.31 -12.66
N VAL A 289 -39.75 0.76 -12.09
CA VAL A 289 -41.14 0.76 -11.62
C VAL A 289 -42.11 1.56 -12.49
N GLY A 290 -41.64 2.06 -13.62
CA GLY A 290 -42.52 2.80 -14.51
C GLY A 290 -42.82 4.25 -14.17
N CYS A 291 -42.08 4.84 -13.22
CA CYS A 291 -42.30 6.23 -12.86
C CYS A 291 -41.60 7.12 -13.89
N ASP A 292 -42.24 8.22 -14.26
CA ASP A 292 -41.73 9.14 -15.26
C ASP A 292 -40.53 9.99 -14.85
N ILE A 293 -39.42 9.79 -15.55
CA ILE A 293 -38.18 10.52 -15.28
C ILE A 293 -38.36 12.02 -15.49
N LYS A 294 -39.38 12.42 -16.25
CA LYS A 294 -39.63 13.83 -16.51
C LYS A 294 -39.93 14.62 -15.23
N LYS A 295 -40.73 14.04 -14.35
CA LYS A 295 -41.06 14.70 -13.10
C LYS A 295 -39.84 14.87 -12.21
N LEU A 296 -38.85 14.02 -12.41
CA LEU A 296 -37.61 14.06 -11.64
C LEU A 296 -36.70 15.20 -12.07
N ILE A 297 -36.21 15.13 -13.30
CA ILE A 297 -35.33 16.14 -13.84
C ILE A 297 -36.06 17.14 -14.74
N MET B 1 36.48 -18.06 31.20
CA MET B 1 35.57 -18.78 30.25
C MET B 1 34.17 -18.20 30.28
N MET B 2 33.75 -17.63 29.16
CA MET B 2 32.41 -17.05 29.06
C MET B 2 31.67 -17.69 27.90
N ILE B 3 30.34 -17.73 27.99
CA ILE B 3 29.53 -18.27 26.91
C ILE B 3 28.80 -17.09 26.30
N ILE B 4 29.18 -16.75 25.08
CA ILE B 4 28.61 -15.63 24.34
C ILE B 4 27.80 -16.14 23.15
N VAL B 5 26.52 -15.77 23.09
CA VAL B 5 25.68 -16.18 21.99
C VAL B 5 25.17 -15.00 21.19
N GLY B 6 25.28 -15.11 19.88
CA GLY B 6 24.79 -14.09 18.97
C GLY B 6 23.47 -14.63 18.43
N VAL B 7 22.46 -13.77 18.31
CA VAL B 7 21.15 -14.21 17.83
C VAL B 7 20.55 -13.33 16.76
N ASP B 8 19.99 -13.95 15.74
CA ASP B 8 19.34 -13.25 14.64
C ASP B 8 17.86 -13.63 14.73
N ALA B 9 17.05 -12.72 15.27
CA ALA B 9 15.61 -12.96 15.42
C ALA B 9 14.80 -12.28 14.33
N GLY B 10 14.64 -12.98 13.20
CA GLY B 10 13.90 -12.44 12.08
C GLY B 10 12.42 -12.80 12.12
N GLY B 11 11.65 -12.23 11.20
CA GLY B 11 10.23 -12.50 11.17
C GLY B 11 9.93 -13.90 10.71
N THR B 12 10.87 -14.49 9.96
CA THR B 12 10.70 -15.84 9.45
C THR B 12 11.25 -16.92 10.37
N LYS B 13 12.42 -16.66 10.96
CA LYS B 13 13.05 -17.64 11.85
C LYS B 13 14.20 -17.03 12.66
N THR B 14 14.70 -17.79 13.63
CA THR B 14 15.78 -17.32 14.50
C THR B 14 16.95 -18.30 14.55
N LYS B 15 18.17 -17.75 14.50
CA LYS B 15 19.39 -18.55 14.54
C LYS B 15 20.39 -17.98 15.55
N ALA B 16 20.94 -18.85 16.40
CA ALA B 16 21.89 -18.44 17.42
C ALA B 16 23.14 -19.31 17.49
N VAL B 17 24.29 -18.67 17.59
CA VAL B 17 25.57 -19.37 17.67
C VAL B 17 26.33 -18.94 18.92
N ALA B 18 27.02 -19.89 19.55
CA ALA B 18 27.77 -19.62 20.77
C ALA B 18 29.29 -19.70 20.59
N TYR B 19 30.00 -18.91 21.40
CA TYR B 19 31.47 -18.82 21.38
C TYR B 19 31.92 -18.38 22.77
N ASP B 20 33.17 -18.66 23.11
CA ASP B 20 33.68 -18.20 24.39
C ASP B 20 34.21 -16.80 24.05
N CYS B 21 35.01 -16.21 24.94
CA CYS B 21 35.55 -14.87 24.72
C CYS B 21 36.86 -14.88 23.96
N GLU B 22 37.35 -16.07 23.67
CA GLU B 22 38.60 -16.26 22.94
C GLU B 22 38.35 -16.68 21.50
N GLY B 23 37.09 -16.58 21.06
CA GLY B 23 36.76 -16.93 19.69
C GLY B 23 36.59 -18.41 19.39
N ASN B 24 36.46 -19.22 20.43
CA ASN B 24 36.28 -20.65 20.24
C ASN B 24 34.82 -21.02 20.11
N PHE B 25 34.48 -21.70 19.02
CA PHE B 25 33.13 -22.14 18.74
C PHE B 25 32.61 -23.05 19.84
N ILE B 26 31.33 -22.92 20.17
CA ILE B 26 30.72 -23.75 21.21
C ILE B 26 29.50 -24.51 20.70
N GLY B 27 28.82 -23.94 19.71
CA GLY B 27 27.65 -24.60 19.16
C GLY B 27 26.65 -23.64 18.56
N GLU B 28 25.48 -24.17 18.19
CA GLU B 28 24.42 -23.35 17.60
C GLU B 28 23.08 -24.08 17.55
N GLY B 29 22.02 -23.30 17.35
CA GLY B 29 20.68 -23.85 17.28
C GLY B 29 19.77 -22.92 16.50
N SER B 30 18.63 -23.42 16.05
CA SER B 30 17.69 -22.63 15.27
C SER B 30 16.31 -22.68 15.92
N SER B 31 15.37 -21.87 15.41
CA SER B 31 14.02 -21.86 15.96
C SER B 31 13.05 -20.98 15.17
N GLY B 32 11.80 -20.98 15.61
CA GLY B 32 10.78 -20.20 14.96
C GLY B 32 11.07 -18.72 14.98
N PRO B 33 10.27 -17.91 14.27
CA PRO B 33 10.40 -16.46 14.18
C PRO B 33 10.72 -15.77 15.51
N GLY B 34 11.34 -14.59 15.39
CA GLY B 34 11.70 -13.82 16.56
C GLY B 34 10.98 -12.49 16.53
N ASN B 35 10.26 -12.24 15.44
CA ASN B 35 9.51 -11.00 15.29
C ASN B 35 8.16 -11.21 15.96
N TYR B 36 7.99 -10.62 17.15
CA TYR B 36 6.76 -10.77 17.91
C TYR B 36 5.53 -10.27 17.19
N HIS B 37 5.75 -9.48 16.13
CA HIS B 37 4.64 -8.97 15.33
C HIS B 37 4.06 -10.10 14.47
N ASN B 38 4.92 -11.04 14.10
CA ASN B 38 4.52 -12.17 13.26
C ASN B 38 4.06 -13.38 14.05
N VAL B 39 4.33 -13.40 15.35
CA VAL B 39 3.92 -14.56 16.15
C VAL B 39 3.59 -14.29 17.61
N GLY B 40 3.37 -13.03 17.96
CA GLY B 40 3.06 -12.70 19.34
C GLY B 40 4.27 -12.73 20.25
N LEU B 41 4.39 -11.76 21.14
CA LEU B 41 5.54 -11.66 22.04
C LEU B 41 5.91 -12.97 22.71
N THR B 42 4.95 -13.65 23.32
CA THR B 42 5.23 -14.90 24.01
C THR B 42 5.98 -15.94 23.17
N ARG B 43 5.53 -16.16 21.93
CA ARG B 43 6.16 -17.14 21.05
C ARG B 43 7.58 -16.74 20.65
N ALA B 44 7.75 -15.49 20.25
CA ALA B 44 9.06 -14.99 19.83
C ALA B 44 10.09 -15.19 20.94
N ILE B 45 9.74 -14.82 22.16
CA ILE B 45 10.63 -14.96 23.31
C ILE B 45 11.03 -16.40 23.56
N GLU B 46 10.04 -17.29 23.55
CA GLU B 46 10.34 -18.70 23.79
C GLU B 46 11.22 -19.28 22.71
N ASN B 47 11.06 -18.80 21.49
CA ASN B 47 11.89 -19.29 20.40
C ASN B 47 13.31 -18.79 20.57
N ILE B 48 13.45 -17.49 20.85
CA ILE B 48 14.77 -16.92 21.05
C ILE B 48 15.50 -17.69 22.16
N LYS B 49 14.78 -18.02 23.22
CA LYS B 49 15.40 -18.78 24.31
C LYS B 49 15.70 -20.17 23.81
N GLU B 50 14.91 -20.62 22.84
CA GLU B 50 15.07 -21.94 22.23
C GLU B 50 16.45 -22.06 21.58
N ALA B 51 16.70 -21.23 20.58
CA ALA B 51 17.97 -21.23 19.87
C ALA B 51 19.15 -21.01 20.82
N VAL B 52 19.03 -19.99 21.68
CA VAL B 52 20.08 -19.68 22.63
C VAL B 52 20.36 -20.87 23.55
N LYS B 53 19.28 -21.47 24.06
CA LYS B 53 19.38 -22.62 24.96
C LYS B 53 20.24 -23.75 24.41
N ILE B 54 20.02 -24.12 23.16
CA ILE B 54 20.77 -25.22 22.56
C ILE B 54 22.12 -24.79 22.00
N ALA B 55 22.15 -23.65 21.31
CA ALA B 55 23.37 -23.12 20.72
C ALA B 55 24.53 -23.26 21.71
N ALA B 56 24.25 -22.99 22.98
CA ALA B 56 25.26 -23.10 24.03
C ALA B 56 24.75 -24.10 25.06
N LYS B 57 23.75 -24.89 24.63
CA LYS B 57 23.11 -25.91 25.45
C LYS B 57 23.31 -25.71 26.94
N GLY B 58 22.41 -24.94 27.53
CA GLY B 58 22.50 -24.65 28.94
C GLY B 58 22.55 -23.16 29.12
N GLU B 59 23.13 -22.72 30.23
CA GLU B 59 23.22 -21.30 30.54
C GLU B 59 24.20 -20.58 29.62
N ALA B 60 23.89 -19.32 29.33
CA ALA B 60 24.73 -18.47 28.50
C ALA B 60 25.08 -17.29 29.40
N ASP B 61 26.26 -16.72 29.23
CA ASP B 61 26.66 -15.58 30.06
C ASP B 61 26.23 -14.27 29.40
N VAL B 62 26.55 -14.15 28.12
CA VAL B 62 26.23 -12.95 27.35
C VAL B 62 25.45 -13.29 26.09
N VAL B 63 24.46 -12.47 25.76
CA VAL B 63 23.68 -12.69 24.56
C VAL B 63 23.48 -11.39 23.79
N GLY B 64 23.95 -11.38 22.55
CA GLY B 64 23.79 -10.22 21.69
C GLY B 64 22.74 -10.64 20.68
N MET B 65 21.69 -9.84 20.50
CA MET B 65 20.65 -10.23 19.56
C MET B 65 20.20 -9.12 18.63
N GLY B 66 19.95 -9.50 17.38
CA GLY B 66 19.46 -8.57 16.38
C GLY B 66 18.01 -9.03 16.25
N VAL B 67 17.06 -8.13 16.45
CA VAL B 67 15.64 -8.49 16.42
C VAL B 67 14.78 -7.72 15.42
N ALA B 68 14.00 -8.45 14.63
CA ALA B 68 13.12 -7.82 13.67
C ALA B 68 11.79 -7.52 14.36
N GLY B 69 11.26 -6.32 14.16
CA GLY B 69 9.99 -5.97 14.77
C GLY B 69 10.03 -4.80 15.74
N LEU B 70 11.21 -4.42 16.20
CA LEU B 70 11.32 -3.31 17.14
C LEU B 70 11.43 -2.00 16.39
N ASP B 71 10.44 -1.74 15.54
CA ASP B 71 10.44 -0.53 14.73
C ASP B 71 9.91 0.71 15.42
N SER B 72 9.65 0.62 16.72
CA SER B 72 9.16 1.78 17.47
C SER B 72 9.42 1.63 18.97
N LYS B 73 9.37 2.75 19.69
CA LYS B 73 9.60 2.75 21.13
C LYS B 73 8.65 1.75 21.80
N PHE B 74 7.41 1.75 21.34
CA PHE B 74 6.40 0.84 21.88
C PHE B 74 6.92 -0.59 21.79
N ASP B 75 7.44 -0.95 20.63
CA ASP B 75 7.97 -2.30 20.40
C ASP B 75 9.09 -2.59 21.39
N TRP B 76 9.98 -1.62 21.60
CA TRP B 76 11.08 -1.80 22.54
C TRP B 76 10.59 -2.02 23.97
N GLU B 77 9.63 -1.21 24.39
CA GLU B 77 9.07 -1.32 25.73
C GLU B 77 8.40 -2.68 25.93
N ASN B 78 7.80 -3.19 24.86
CA ASN B 78 7.12 -4.49 24.89
C ASN B 78 8.05 -5.68 24.92
N PHE B 79 9.05 -5.65 24.05
CA PHE B 79 10.00 -6.73 23.89
C PHE B 79 11.17 -6.80 24.87
N THR B 80 11.82 -5.67 25.10
CA THR B 80 12.99 -5.61 25.98
C THR B 80 12.90 -6.29 27.35
N PRO B 81 11.86 -5.97 28.15
CA PRO B 81 11.72 -6.56 29.48
C PRO B 81 12.06 -8.05 29.57
N LEU B 82 11.26 -8.87 28.90
CA LEU B 82 11.44 -10.32 28.92
C LEU B 82 12.75 -10.73 28.24
N ALA B 83 13.07 -10.06 27.15
CA ALA B 83 14.29 -10.36 26.39
C ALA B 83 15.56 -10.19 27.23
N SER B 84 15.63 -9.10 28.00
CA SER B 84 16.80 -8.81 28.82
C SER B 84 17.06 -9.81 29.94
N LEU B 85 16.12 -10.72 30.18
CA LEU B 85 16.31 -11.71 31.23
C LEU B 85 16.75 -13.08 30.74
N ILE B 86 17.04 -13.19 29.45
CA ILE B 86 17.44 -14.48 28.88
C ILE B 86 18.86 -14.87 29.29
N ALA B 87 19.64 -13.88 29.71
CA ALA B 87 21.01 -14.11 30.15
C ALA B 87 21.40 -12.99 31.09
N PRO B 88 22.43 -13.20 31.94
CA PRO B 88 22.89 -12.19 32.89
C PRO B 88 23.21 -10.88 32.19
N LYS B 89 23.72 -10.98 30.96
CA LYS B 89 24.07 -9.81 30.15
C LYS B 89 23.47 -10.00 28.77
N VAL B 90 22.58 -9.11 28.39
CA VAL B 90 21.92 -9.19 27.09
C VAL B 90 21.98 -7.85 26.36
N ILE B 91 22.47 -7.88 25.13
CA ILE B 91 22.54 -6.69 24.30
C ILE B 91 21.50 -6.85 23.20
N ILE B 92 20.62 -5.86 23.07
CA ILE B 92 19.56 -5.91 22.07
C ILE B 92 19.66 -4.80 21.03
N GLN B 93 19.54 -5.17 19.76
CA GLN B 93 19.60 -4.23 18.65
C GLN B 93 18.71 -4.67 17.51
N HIS B 94 18.54 -3.82 16.49
CA HIS B 94 17.72 -4.14 15.32
C HIS B 94 18.46 -5.23 14.54
N ASP B 95 17.71 -6.08 13.85
CA ASP B 95 18.35 -7.14 13.08
C ASP B 95 19.26 -6.55 12.01
N GLY B 96 19.06 -5.28 11.71
CA GLY B 96 19.88 -4.61 10.71
C GLY B 96 21.28 -4.32 11.24
N VAL B 97 21.38 -4.10 12.55
CA VAL B 97 22.66 -3.81 13.18
C VAL B 97 23.60 -5.01 13.08
N ILE B 98 23.12 -6.19 13.47
CA ILE B 98 23.97 -7.37 13.41
C ILE B 98 24.33 -7.71 11.97
N ALA B 99 23.41 -7.45 11.04
CA ALA B 99 23.67 -7.72 9.63
C ALA B 99 24.82 -6.81 9.19
N LEU B 100 24.80 -5.57 9.67
CA LEU B 100 25.84 -4.58 9.35
C LEU B 100 27.17 -4.96 9.97
N PHE B 101 27.16 -5.23 11.28
CA PHE B 101 28.38 -5.58 11.99
C PHE B 101 29.03 -6.89 11.52
N ALA B 102 28.22 -7.79 10.99
CA ALA B 102 28.76 -9.06 10.49
C ALA B 102 29.77 -8.79 9.38
N GLU B 103 29.61 -7.66 8.72
CA GLU B 103 30.49 -7.27 7.63
C GLU B 103 31.54 -6.25 8.07
N THR B 104 31.14 -5.28 8.88
CA THR B 104 32.08 -4.25 9.33
C THR B 104 32.89 -4.63 10.57
N LEU B 105 32.53 -5.74 11.20
CA LEU B 105 33.22 -6.18 12.42
C LEU B 105 33.06 -5.17 13.56
N GLY B 106 31.96 -4.43 13.55
CA GLY B 106 31.73 -3.47 14.61
C GLY B 106 32.17 -2.06 14.26
N GLU B 107 32.82 -1.91 13.11
CA GLU B 107 33.29 -0.60 12.65
C GLU B 107 32.18 0.13 11.88
N PRO B 108 32.34 1.46 11.70
CA PRO B 108 31.34 2.25 10.96
C PRO B 108 31.07 1.67 9.59
N GLY B 109 29.85 1.86 9.11
CA GLY B 109 29.49 1.33 7.80
C GLY B 109 28.02 1.48 7.50
N VAL B 110 27.63 1.03 6.31
CA VAL B 110 26.25 1.10 5.84
C VAL B 110 25.88 -0.19 5.13
N VAL B 111 24.67 -0.68 5.39
CA VAL B 111 24.22 -1.89 4.75
C VAL B 111 22.77 -1.72 4.27
N VAL B 112 22.51 -2.21 3.07
CA VAL B 112 21.19 -2.14 2.48
C VAL B 112 20.60 -3.53 2.62
N ILE B 113 19.41 -3.63 3.18
CA ILE B 113 18.76 -4.93 3.30
C ILE B 113 17.46 -4.84 2.53
N ALA B 114 17.44 -5.48 1.36
CA ALA B 114 16.26 -5.47 0.51
C ALA B 114 15.70 -6.88 0.35
N GLY B 115 14.63 -7.16 1.08
CA GLY B 115 13.99 -8.47 0.99
C GLY B 115 12.51 -8.27 0.72
N THR B 116 11.66 -8.70 1.64
CA THR B 116 10.23 -8.52 1.48
C THR B 116 10.01 -7.03 1.70
N GLY B 117 10.76 -6.49 2.65
CA GLY B 117 10.73 -5.06 2.93
C GLY B 117 12.10 -4.53 2.56
N SER B 118 12.41 -3.27 2.90
CA SER B 118 13.72 -2.73 2.59
C SER B 118 14.11 -1.67 3.62
N VAL B 119 15.41 -1.49 3.81
CA VAL B 119 15.91 -0.50 4.77
C VAL B 119 17.40 -0.26 4.57
N VAL B 120 17.88 0.88 5.05
CA VAL B 120 19.29 1.20 4.97
C VAL B 120 19.74 1.49 6.40
N GLU B 121 20.58 0.61 6.94
CA GLU B 121 21.10 0.74 8.30
C GLU B 121 22.54 1.23 8.25
N GLY B 122 22.89 2.11 9.19
CA GLY B 122 24.25 2.62 9.24
C GLY B 122 24.74 2.85 10.66
N TYR B 123 26.05 2.82 10.83
CA TYR B 123 26.69 3.04 12.13
C TYR B 123 27.86 3.99 11.91
N ASN B 124 27.94 5.05 12.71
CA ASN B 124 29.02 6.03 12.55
C ASN B 124 30.07 6.00 13.68
N GLY B 125 30.11 4.90 14.41
CA GLY B 125 31.08 4.79 15.49
C GLY B 125 30.55 5.18 16.85
N LYS B 126 29.47 5.97 16.88
CA LYS B 126 28.88 6.40 18.14
C LYS B 126 27.39 6.09 18.24
N GLU B 127 26.67 6.22 17.13
CA GLU B 127 25.23 5.95 17.13
C GLU B 127 24.77 5.29 15.84
N PHE B 128 23.65 4.58 15.91
CA PHE B 128 23.12 3.91 14.74
C PHE B 128 22.09 4.78 14.02
N LEU B 129 22.19 4.80 12.69
CA LEU B 129 21.29 5.59 11.86
C LEU B 129 20.47 4.65 10.97
N ARG B 130 19.37 5.18 10.43
CA ARG B 130 18.49 4.39 9.57
C ARG B 130 17.59 5.28 8.72
N VAL B 131 17.27 4.80 7.52
CA VAL B 131 16.36 5.49 6.63
C VAL B 131 15.47 4.40 6.06
N GLY B 132 14.19 4.68 5.91
CA GLY B 132 13.29 3.66 5.39
C GLY B 132 13.08 2.52 6.38
N GLY B 133 12.68 1.36 5.87
CA GLY B 133 12.44 0.24 6.77
C GLY B 133 11.24 0.49 7.67
N ARG B 134 10.22 1.17 7.14
CA ARG B 134 9.02 1.46 7.94
C ARG B 134 7.73 0.79 7.48
N GLY B 135 7.83 -0.32 6.75
CA GLY B 135 6.64 -1.03 6.32
C GLY B 135 6.18 -0.88 4.88
N TRP B 136 5.37 -1.85 4.43
CA TRP B 136 4.87 -1.86 3.06
C TRP B 136 4.09 -0.64 2.58
N LEU B 137 3.30 -0.03 3.45
CA LEU B 137 2.49 1.13 3.04
C LEU B 137 3.25 2.44 2.95
N LEU B 138 3.97 2.75 4.01
CA LEU B 138 4.72 3.99 4.11
C LEU B 138 6.12 3.97 3.52
N SER B 139 6.71 2.78 3.42
CA SER B 139 8.11 2.69 3.00
C SER B 139 8.45 1.54 2.07
N ASP B 140 9.58 0.90 2.37
CA ASP B 140 10.07 -0.25 1.63
C ASP B 140 10.27 -0.08 0.12
N ASP B 141 10.82 1.06 -0.29
CA ASP B 141 11.09 1.30 -1.70
C ASP B 141 12.03 0.19 -2.15
N GLY B 142 11.87 -0.29 -3.38
CA GLY B 142 12.76 -1.30 -3.92
C GLY B 142 12.73 -2.69 -3.30
N SER B 143 11.77 -2.95 -2.43
CA SER B 143 11.65 -4.27 -1.81
C SER B 143 10.89 -5.19 -2.74
N ALA B 144 10.85 -6.47 -2.38
CA ALA B 144 10.12 -7.44 -3.19
C ALA B 144 8.64 -7.04 -3.22
N TYR B 145 8.13 -6.57 -2.08
CA TYR B 145 6.73 -6.14 -2.01
C TYR B 145 6.50 -4.98 -2.98
N TRP B 146 7.41 -4.01 -2.94
CA TRP B 146 7.33 -2.85 -3.81
C TRP B 146 7.31 -3.23 -5.28
N VAL B 147 8.22 -4.08 -5.73
CA VAL B 147 8.23 -4.46 -7.14
C VAL B 147 7.04 -5.36 -7.47
N GLY B 148 6.62 -6.15 -6.49
CA GLY B 148 5.48 -7.03 -6.68
C GLY B 148 4.22 -6.21 -6.95
N ARG B 149 4.06 -5.12 -6.20
CA ARG B 149 2.89 -4.26 -6.37
C ARG B 149 2.96 -3.57 -7.73
N LYS B 150 4.13 -3.04 -8.09
CA LYS B 150 4.30 -2.38 -9.38
C LYS B 150 3.90 -3.33 -10.51
N ALA B 151 4.30 -4.59 -10.39
CA ALA B 151 4.00 -5.59 -11.41
C ALA B 151 2.49 -5.82 -11.55
N LEU B 152 1.82 -6.00 -10.41
CA LEU B 152 0.38 -6.22 -10.39
C LEU B 152 -0.35 -5.07 -11.08
N ARG B 153 -0.01 -3.85 -10.69
CA ARG B 153 -0.64 -2.67 -11.28
C ARG B 153 -0.42 -2.60 -12.79
N LYS B 154 0.79 -2.95 -13.22
CA LYS B 154 1.12 -2.92 -14.65
C LYS B 154 0.32 -3.99 -15.40
N VAL B 155 0.16 -5.15 -14.77
CA VAL B 155 -0.57 -6.25 -15.40
C VAL B 155 -2.05 -5.89 -15.61
N LEU B 156 -2.62 -5.11 -14.70
CA LEU B 156 -4.01 -4.68 -14.84
C LEU B 156 -4.10 -3.74 -16.03
N LYS B 157 -3.15 -2.80 -16.12
CA LYS B 157 -3.11 -1.85 -17.23
C LYS B 157 -3.10 -2.60 -18.56
N MET B 158 -2.29 -3.65 -18.64
CA MET B 158 -2.20 -4.47 -19.85
C MET B 158 -3.55 -5.12 -20.15
N MET B 159 -4.22 -5.63 -19.11
CA MET B 159 -5.52 -6.25 -19.29
C MET B 159 -6.55 -5.23 -19.81
N ASP B 160 -6.56 -4.04 -19.21
CA ASP B 160 -7.47 -2.99 -19.62
C ASP B 160 -7.13 -2.55 -21.05
N GLY B 161 -5.95 -2.94 -21.53
CA GLY B 161 -5.53 -2.58 -22.87
C GLY B 161 -4.89 -1.22 -22.94
N LEU B 162 -4.48 -0.68 -21.80
CA LEU B 162 -3.85 0.62 -21.79
C LEU B 162 -2.39 0.53 -22.21
N GLU B 163 -1.85 -0.69 -22.15
CA GLU B 163 -0.46 -0.93 -22.54
C GLU B 163 -0.32 -2.32 -23.13
N ASN B 164 0.64 -2.50 -24.03
CA ASN B 164 0.84 -3.80 -24.66
C ASN B 164 1.30 -4.85 -23.67
N LYS B 165 0.78 -6.06 -23.84
CA LYS B 165 1.15 -7.15 -22.97
C LYS B 165 2.56 -7.59 -23.32
N THR B 166 3.35 -7.87 -22.30
CA THR B 166 4.71 -8.33 -22.49
C THR B 166 4.78 -9.65 -21.75
N ILE B 167 5.93 -10.33 -21.84
CA ILE B 167 6.07 -11.61 -21.17
C ILE B 167 5.74 -11.53 -19.68
N LEU B 168 5.96 -10.36 -19.08
CA LEU B 168 5.67 -10.16 -17.66
C LEU B 168 4.23 -10.57 -17.37
N TYR B 169 3.33 -10.20 -18.27
CA TYR B 169 1.91 -10.51 -18.13
C TYR B 169 1.67 -11.97 -17.70
N ASN B 170 2.10 -12.91 -18.53
CA ASN B 170 1.90 -14.32 -18.23
C ASN B 170 2.64 -14.78 -16.97
N LYS B 171 3.85 -14.29 -16.78
CA LYS B 171 4.65 -14.67 -15.61
C LYS B 171 4.00 -14.33 -14.28
N VAL B 172 3.44 -13.13 -14.16
CA VAL B 172 2.80 -12.74 -12.90
C VAL B 172 1.52 -13.56 -12.71
N LEU B 173 0.72 -13.67 -13.76
CA LEU B 173 -0.53 -14.42 -13.69
C LEU B 173 -0.31 -15.88 -13.30
N LYS B 174 0.74 -16.50 -13.84
CA LYS B 174 1.04 -17.89 -13.53
C LYS B 174 1.52 -18.03 -12.09
N THR B 175 2.32 -17.08 -11.64
CA THR B 175 2.86 -17.11 -10.28
C THR B 175 1.76 -17.05 -9.23
N ILE B 176 0.75 -16.23 -9.47
CA ILE B 176 -0.35 -16.10 -8.52
C ILE B 176 -1.50 -17.00 -8.94
N ASN B 177 -1.22 -17.88 -9.91
CA ASN B 177 -2.19 -18.83 -10.43
C ASN B 177 -3.55 -18.19 -10.70
N VAL B 178 -3.51 -17.11 -11.48
CA VAL B 178 -4.70 -16.38 -11.88
C VAL B 178 -4.78 -16.45 -13.39
N LYS B 179 -5.99 -16.57 -13.94
CA LYS B 179 -6.14 -16.66 -15.38
C LYS B 179 -7.17 -15.67 -15.90
N ASP B 180 -7.91 -15.08 -14.97
CA ASP B 180 -8.98 -14.15 -15.33
C ASP B 180 -8.85 -12.78 -14.68
N LEU B 181 -9.54 -11.80 -15.25
CA LEU B 181 -9.54 -10.46 -14.68
C LEU B 181 -10.33 -10.66 -13.40
N ASP B 182 -11.40 -11.44 -13.50
CA ASP B 182 -12.25 -11.74 -12.35
C ASP B 182 -11.39 -12.41 -11.29
N GLU B 183 -10.53 -13.31 -11.73
CA GLU B 183 -9.65 -14.03 -10.82
C GLU B 183 -8.57 -13.12 -10.23
N LEU B 184 -8.08 -12.19 -11.04
CA LEU B 184 -7.05 -11.27 -10.58
C LEU B 184 -7.63 -10.38 -9.47
N VAL B 185 -8.82 -9.85 -9.75
CA VAL B 185 -9.51 -9.00 -8.80
C VAL B 185 -9.74 -9.68 -7.45
N MET B 186 -10.31 -10.90 -7.47
CA MET B 186 -10.56 -11.59 -6.22
C MET B 186 -9.25 -11.95 -5.50
N TRP B 187 -8.18 -12.15 -6.27
CA TRP B 187 -6.89 -12.47 -5.66
C TRP B 187 -6.40 -11.27 -4.85
N SER B 188 -6.43 -10.11 -5.48
CA SER B 188 -5.98 -8.88 -4.83
C SER B 188 -6.78 -8.56 -3.59
N TYR B 189 -8.07 -8.83 -3.62
CA TYR B 189 -8.93 -8.56 -2.47
C TYR B 189 -8.81 -9.58 -1.33
N THR B 190 -8.14 -10.69 -1.62
CA THR B 190 -7.93 -11.71 -0.62
C THR B 190 -6.51 -11.55 -0.08
N SER B 191 -5.60 -11.19 -0.96
CA SER B 191 -4.20 -11.03 -0.62
C SER B 191 -3.82 -9.56 -0.52
N SER B 192 -4.83 -8.70 -0.51
CA SER B 192 -4.60 -7.26 -0.45
C SER B 192 -3.70 -6.83 0.69
N CYS B 193 -4.22 -6.91 1.91
CA CYS B 193 -3.45 -6.47 3.05
C CYS B 193 -2.52 -7.47 3.74
N GLN B 194 -1.89 -8.33 2.95
CA GLN B 194 -0.92 -9.28 3.46
C GLN B 194 0.26 -9.28 2.48
N ILE B 195 1.35 -8.68 2.94
CA ILE B 195 2.57 -8.49 2.16
C ILE B 195 3.36 -9.65 1.54
N ASP B 196 3.43 -10.81 2.19
CA ASP B 196 4.19 -11.93 1.63
C ASP B 196 3.77 -12.35 0.23
N LEU B 197 2.47 -12.47 0.01
CA LEU B 197 1.96 -12.88 -1.28
C LEU B 197 2.33 -11.91 -2.40
N VAL B 198 2.27 -10.62 -2.12
CA VAL B 198 2.62 -9.62 -3.12
C VAL B 198 4.13 -9.63 -3.41
N ALA B 199 4.93 -9.79 -2.35
CA ALA B 199 6.38 -9.81 -2.49
C ALA B 199 6.87 -10.97 -3.34
N SER B 200 6.13 -12.08 -3.32
CA SER B 200 6.53 -13.27 -4.09
C SER B 200 6.47 -13.01 -5.58
N ILE B 201 5.70 -12.01 -5.98
CA ILE B 201 5.56 -11.67 -7.39
C ILE B 201 6.88 -11.12 -7.95
N ALA B 202 7.73 -10.59 -7.08
CA ALA B 202 9.01 -10.05 -7.51
C ALA B 202 9.82 -11.07 -8.30
N LYS B 203 9.64 -12.34 -7.98
CA LYS B 203 10.33 -13.44 -8.65
C LYS B 203 9.94 -13.52 -10.13
N ALA B 204 8.65 -13.30 -10.40
CA ALA B 204 8.15 -13.33 -11.76
C ALA B 204 8.68 -12.14 -12.55
N VAL B 205 8.85 -11.01 -11.87
CA VAL B 205 9.37 -9.82 -12.54
C VAL B 205 10.79 -10.12 -12.98
N ASP B 206 11.60 -10.68 -12.08
CA ASP B 206 12.98 -11.02 -12.37
C ASP B 206 13.05 -12.00 -13.54
N GLU B 207 12.18 -13.01 -13.50
CA GLU B 207 12.14 -14.02 -14.54
C GLU B 207 11.78 -13.37 -15.90
N ALA B 208 10.85 -12.43 -15.87
CA ALA B 208 10.44 -11.73 -17.08
C ALA B 208 11.65 -10.97 -17.62
N ALA B 209 12.29 -10.21 -16.74
CA ALA B 209 13.46 -9.42 -17.08
C ALA B 209 14.57 -10.27 -17.69
N ASN B 210 14.88 -11.40 -17.06
CA ASN B 210 15.93 -12.27 -17.56
C ASN B 210 15.61 -12.76 -18.96
N GLU B 211 14.33 -12.80 -19.30
CA GLU B 211 13.92 -13.25 -20.61
C GLU B 211 13.78 -12.10 -21.61
N GLY B 212 14.36 -10.96 -21.27
CA GLY B 212 14.34 -9.81 -22.17
C GLY B 212 13.24 -8.78 -22.05
N ASP B 213 12.33 -8.94 -21.11
CA ASP B 213 11.24 -7.97 -20.95
C ASP B 213 11.72 -6.67 -20.33
N THR B 214 11.98 -5.67 -21.17
CA THR B 214 12.46 -4.37 -20.68
C THR B 214 11.47 -3.67 -19.75
N VAL B 215 10.18 -4.00 -19.88
CA VAL B 215 9.18 -3.39 -19.01
C VAL B 215 9.41 -3.90 -17.59
N ALA B 216 9.74 -5.19 -17.48
CA ALA B 216 10.02 -5.79 -16.18
C ALA B 216 11.34 -5.22 -15.68
N MET B 217 12.30 -5.09 -16.58
CA MET B 217 13.60 -4.54 -16.21
C MET B 217 13.43 -3.17 -15.60
N ASP B 218 12.55 -2.36 -16.19
CA ASP B 218 12.32 -1.01 -15.71
C ASP B 218 11.78 -0.95 -14.28
N ILE B 219 10.96 -1.93 -13.91
CA ILE B 219 10.41 -1.96 -12.56
C ILE B 219 11.55 -2.22 -11.58
N LEU B 220 12.43 -3.15 -11.94
CA LEU B 220 13.57 -3.47 -11.08
C LEU B 220 14.49 -2.27 -10.95
N LYS B 221 14.68 -1.54 -12.06
CA LYS B 221 15.53 -0.36 -12.09
C LYS B 221 15.02 0.77 -11.21
N GLN B 222 13.73 1.08 -11.33
CA GLN B 222 13.17 2.15 -10.52
C GLN B 222 13.19 1.79 -9.04
N GLY B 223 12.95 0.51 -8.75
CA GLY B 223 12.98 0.08 -7.36
C GLY B 223 14.39 0.15 -6.81
N ALA B 224 15.35 -0.39 -7.56
CA ALA B 224 16.74 -0.39 -7.13
C ALA B 224 17.28 1.02 -6.95
N GLU B 225 16.91 1.93 -7.84
CA GLU B 225 17.38 3.30 -7.78
C GLU B 225 16.75 4.12 -6.65
N LEU B 226 15.48 3.86 -6.36
CA LEU B 226 14.81 4.57 -5.28
C LEU B 226 15.47 4.20 -3.96
N LEU B 227 15.83 2.93 -3.82
CA LEU B 227 16.49 2.45 -2.60
C LEU B 227 17.95 2.89 -2.60
N ALA B 228 18.63 2.70 -3.74
CA ALA B 228 20.02 3.05 -3.88
C ALA B 228 20.30 4.49 -3.49
N SER B 229 19.39 5.39 -3.82
CA SER B 229 19.58 6.80 -3.49
C SER B 229 19.52 7.03 -1.98
N GLN B 230 18.83 6.15 -1.27
CA GLN B 230 18.75 6.32 0.18
C GLN B 230 20.06 5.80 0.74
N ALA B 231 20.62 4.79 0.08
CA ALA B 231 21.87 4.21 0.51
C ALA B 231 22.97 5.26 0.35
N VAL B 232 22.91 6.00 -0.75
CA VAL B 232 23.89 7.05 -1.03
C VAL B 232 23.82 8.11 0.06
N TYR B 233 22.60 8.53 0.38
CA TYR B 233 22.39 9.53 1.40
C TYR B 233 23.00 9.14 2.75
N LEU B 234 22.80 7.90 3.16
CA LEU B 234 23.34 7.46 4.45
C LEU B 234 24.86 7.26 4.39
N ALA B 235 25.36 6.80 3.25
CA ALA B 235 26.78 6.57 3.07
C ALA B 235 27.51 7.91 3.23
N ARG B 236 26.95 8.96 2.63
CA ARG B 236 27.53 10.29 2.70
C ARG B 236 27.40 10.90 4.08
N LYS B 237 26.29 10.62 4.76
CA LYS B 237 26.10 11.18 6.09
C LYS B 237 27.06 10.52 7.08
N ILE B 238 27.30 9.23 6.90
CA ILE B 238 28.21 8.49 7.78
C ILE B 238 29.66 8.72 7.37
N GLY B 239 29.90 8.94 6.09
CA GLY B 239 31.24 9.19 5.61
C GLY B 239 31.99 8.00 5.04
N THR B 240 31.27 7.06 4.45
CA THR B 240 31.89 5.88 3.85
C THR B 240 31.50 5.82 2.38
N ASN B 241 32.40 5.37 1.52
CA ASN B 241 32.13 5.28 0.09
C ASN B 241 31.73 3.86 -0.32
N LYS B 242 31.49 3.01 0.66
CA LYS B 242 31.10 1.64 0.36
C LYS B 242 29.90 1.21 1.20
N VAL B 243 29.11 0.31 0.65
CA VAL B 243 27.95 -0.21 1.35
C VAL B 243 27.84 -1.70 1.07
N TYR B 244 27.19 -2.41 1.98
CA TYR B 244 27.02 -3.83 1.81
C TYR B 244 25.59 -4.06 1.36
N LEU B 245 25.38 -5.08 0.54
CA LEU B 245 24.05 -5.38 0.02
C LEU B 245 23.61 -6.78 0.46
N LYS B 246 22.43 -6.84 1.07
CA LYS B 246 21.88 -8.11 1.54
C LYS B 246 20.38 -8.15 1.26
N GLY B 247 19.83 -9.36 1.18
CA GLY B 247 18.40 -9.50 0.92
C GLY B 247 18.03 -10.28 -0.32
N GLY B 248 16.83 -10.82 -0.33
CA GLY B 248 16.37 -11.60 -1.48
C GLY B 248 16.33 -10.84 -2.78
N MET B 249 16.18 -9.52 -2.71
CA MET B 249 16.12 -8.70 -3.91
C MET B 249 17.44 -8.74 -4.68
N PHE B 250 18.55 -8.92 -3.96
CA PHE B 250 19.85 -8.97 -4.62
C PHE B 250 20.15 -10.31 -5.28
N ARG B 251 19.20 -11.23 -5.20
CA ARG B 251 19.34 -12.52 -5.85
C ARG B 251 18.99 -12.28 -7.31
N SER B 252 18.38 -11.13 -7.59
CA SER B 252 18.04 -10.76 -8.96
C SER B 252 19.27 -10.07 -9.53
N ASN B 253 19.94 -10.75 -10.46
CA ASN B 253 21.13 -10.21 -11.10
C ASN B 253 20.90 -8.81 -11.65
N ILE B 254 19.77 -8.63 -12.34
CA ILE B 254 19.45 -7.34 -12.93
C ILE B 254 19.20 -6.26 -11.89
N TYR B 255 18.48 -6.60 -10.82
CA TYR B 255 18.23 -5.63 -9.76
C TYR B 255 19.60 -5.24 -9.18
N HIS B 256 20.41 -6.25 -8.89
CA HIS B 256 21.72 -5.99 -8.31
C HIS B 256 22.54 -5.06 -9.22
N LYS B 257 22.53 -5.36 -10.51
CA LYS B 257 23.27 -4.55 -11.48
C LYS B 257 22.78 -3.10 -11.49
N PHE B 258 21.47 -2.90 -11.61
CA PHE B 258 20.94 -1.55 -11.62
C PHE B 258 21.32 -0.84 -10.33
N PHE B 259 21.37 -1.59 -9.24
CA PHE B 259 21.70 -1.00 -7.95
C PHE B 259 23.17 -0.57 -7.96
N THR B 260 24.04 -1.47 -8.39
CA THR B 260 25.46 -1.16 -8.45
C THR B 260 25.75 -0.10 -9.50
N LEU B 261 25.06 -0.16 -10.64
CA LEU B 261 25.26 0.83 -11.68
C LEU B 261 24.99 2.23 -11.15
N TYR B 262 23.93 2.36 -10.35
CA TYR B 262 23.56 3.65 -9.78
C TYR B 262 24.52 4.09 -8.67
N LEU B 263 24.98 3.13 -7.87
CA LEU B 263 25.91 3.45 -6.78
C LEU B 263 27.21 3.98 -7.36
N GLU B 264 27.80 3.21 -8.27
CA GLU B 264 29.07 3.61 -8.89
C GLU B 264 28.97 5.00 -9.50
N LYS B 265 27.87 5.28 -10.20
CA LYS B 265 27.68 6.58 -10.80
C LYS B 265 27.70 7.66 -9.73
N GLU B 266 27.44 7.25 -8.49
CA GLU B 266 27.43 8.19 -7.38
C GLU B 266 28.72 8.11 -6.58
N GLY B 267 29.72 7.43 -7.14
CA GLY B 267 31.00 7.29 -6.49
C GLY B 267 31.04 6.35 -5.31
N ILE B 268 29.99 5.55 -5.15
CA ILE B 268 29.93 4.62 -4.03
C ILE B 268 30.10 3.19 -4.52
N ILE B 269 31.01 2.46 -3.87
CA ILE B 269 31.25 1.08 -4.24
C ILE B 269 30.45 0.22 -3.26
N SER B 270 30.30 -1.06 -3.58
CA SER B 270 29.52 -1.95 -2.73
C SER B 270 29.96 -3.40 -2.85
N ASP B 271 29.51 -4.21 -1.91
CA ASP B 271 29.81 -5.63 -1.89
C ASP B 271 28.66 -6.37 -1.23
N LEU B 272 28.36 -7.55 -1.74
CA LEU B 272 27.28 -8.37 -1.18
C LEU B 272 27.69 -8.83 0.21
N GLY B 273 26.70 -9.18 1.04
CA GLY B 273 26.99 -9.66 2.37
C GLY B 273 27.73 -10.97 2.33
N LYS B 274 28.87 -11.04 3.00
CA LYS B 274 29.68 -12.25 3.00
C LYS B 274 29.81 -12.88 4.40
N ARG B 275 28.78 -12.72 5.21
CA ARG B 275 28.76 -13.28 6.56
C ARG B 275 27.37 -13.22 7.18
N SER B 276 27.03 -14.25 7.94
CA SER B 276 25.73 -14.37 8.59
C SER B 276 25.44 -13.29 9.63
N PRO B 277 24.16 -12.98 9.83
CA PRO B 277 23.78 -11.96 10.81
C PRO B 277 24.09 -12.39 12.24
N GLU B 278 23.89 -13.68 12.54
CA GLU B 278 24.15 -14.16 13.89
C GLU B 278 25.62 -13.99 14.29
N ILE B 279 26.52 -14.02 13.31
CA ILE B 279 27.94 -13.83 13.58
C ILE B 279 28.13 -12.35 13.92
N GLY B 280 27.34 -11.51 13.26
CA GLY B 280 27.42 -10.09 13.52
C GLY B 280 26.92 -9.78 14.92
N ALA B 281 26.08 -10.67 15.45
CA ALA B 281 25.53 -10.51 16.79
C ALA B 281 26.58 -10.87 17.84
N VAL B 282 27.39 -11.88 17.51
CA VAL B 282 28.46 -12.31 18.40
C VAL B 282 29.44 -11.13 18.46
N ILE B 283 29.64 -10.50 17.30
CA ILE B 283 30.52 -9.33 17.18
C ILE B 283 29.97 -8.18 18.03
N LEU B 284 28.66 -7.98 17.98
CA LEU B 284 28.02 -6.95 18.77
C LEU B 284 28.30 -7.23 20.25
N ALA B 285 28.16 -8.50 20.64
CA ALA B 285 28.40 -8.89 22.03
C ALA B 285 29.88 -8.72 22.40
N TYR B 286 30.76 -9.18 21.51
CA TYR B 286 32.20 -9.07 21.76
C TYR B 286 32.59 -7.63 22.09
N LYS B 287 32.11 -6.72 21.24
CA LYS B 287 32.38 -5.28 21.35
C LYS B 287 31.91 -4.71 22.69
N GLU B 288 30.78 -5.22 23.17
CA GLU B 288 30.18 -4.78 24.42
C GLU B 288 30.90 -5.29 25.68
N VAL B 289 31.41 -6.52 25.62
CA VAL B 289 32.08 -7.09 26.80
C VAL B 289 33.59 -7.20 26.73
N GLY B 290 34.19 -6.57 25.73
CA GLY B 290 35.64 -6.58 25.59
C GLY B 290 36.35 -7.79 25.05
N CYS B 291 35.68 -8.66 24.30
CA CYS B 291 36.31 -9.84 23.72
C CYS B 291 36.87 -9.49 22.34
N ASP B 292 38.05 -10.02 22.03
CA ASP B 292 38.72 -9.73 20.76
C ASP B 292 38.03 -10.30 19.54
N ILE B 293 37.47 -9.41 18.72
CA ILE B 293 36.78 -9.80 17.50
C ILE B 293 37.73 -10.46 16.50
N LYS B 294 39.02 -10.16 16.61
CA LYS B 294 39.98 -10.74 15.69
C LYS B 294 40.12 -12.24 15.94
N LYS B 295 40.06 -12.63 17.21
CA LYS B 295 40.16 -14.05 17.57
C LYS B 295 38.98 -14.77 16.94
N LEU B 296 37.97 -13.99 16.58
CA LEU B 296 36.74 -14.53 15.98
C LEU B 296 36.86 -14.56 14.45
#